data_4JY9
#
_entry.id   4JY9
#
_cell.length_a   51.247
_cell.length_b   78.950
_cell.length_c   86.145
_cell.angle_alpha   90.00
_cell.angle_beta   90.00
_cell.angle_gamma   90.00
#
_symmetry.space_group_name_H-M   'P 21 21 21'
#
loop_
_entity.id
_entity.type
_entity.pdbx_description
1 polymer 'FEFE-HYDROGENASE MATURASE'
2 non-polymer 'IRON/SULFUR CLUSTER'
3 non-polymer S-ADENOSYL-L-HOMOCYSTEINE
4 non-polymer CHAPSO
5 non-polymer 'FE2/S2 (INORGANIC) CLUSTER'
6 non-polymer 'CHLORIDE ION'
7 water water
#
_entity_poly.entity_id   1
_entity_poly.type   'polypeptide(L)'
_entity_poly.pdbx_seq_one_letter_code
;MTGREILEKLERREFTREVLKEALSINDRGFNEALFKLADEIRRKYVGDEVHIRAIIEFSNVCRKNCLYCGLRRDNKNLK
RYRMTPEEIVERARLAVQFGAKTIVLQSGEDPYYMPDVISDIVKEIKKMGVAVTLSLGEWPREYYEKWKEAGADRYLLRH
ETANPVLHRKLRPDTSFENRLNCLLTLKELGYETGAGSMVGLPGQTIDDLVDDLLFLKEHDFDMVGIGPFIPHPDTPLAN
EKKGDFTLTLKMVALTRILLPDSNIPATTAMGTIVPGGREITLRCGANVIMPNWTPSPYRQLYQLYPGKICVFEKDTACI
PCVMKMIELLGRKPGRDWGGRKRVFETV
;
_entity_poly.pdbx_strand_id   A
#
# COMPACT_ATOMS: atom_id res chain seq x y z
N THR A 2 6.08 13.66 -28.40
CA THR A 2 6.41 14.90 -27.61
C THR A 2 5.93 14.57 -26.22
N GLY A 3 6.70 14.94 -25.18
CA GLY A 3 6.14 15.10 -23.85
C GLY A 3 4.87 15.90 -23.83
N ARG A 4 4.82 17.00 -24.60
CA ARG A 4 3.65 17.87 -24.64
C ARG A 4 2.46 17.03 -25.12
N GLU A 5 2.65 16.23 -26.20
CA GLU A 5 1.55 15.44 -26.72
C GLU A 5 1.08 14.34 -25.75
N ILE A 6 2.01 13.72 -25.05
CA ILE A 6 1.65 12.70 -24.02
C ILE A 6 0.82 13.31 -22.89
N LEU A 7 1.23 14.49 -22.42
CA LEU A 7 0.43 15.18 -21.38
C LEU A 7 -0.96 15.51 -21.88
N GLU A 8 -1.06 15.99 -23.13
CA GLU A 8 -2.39 16.29 -23.71
C GLU A 8 -3.29 15.06 -23.79
N LYS A 9 -2.71 13.95 -24.18
CA LYS A 9 -3.47 12.71 -24.24
C LYS A 9 -3.88 12.24 -22.84
N LEU A 10 -2.99 12.37 -21.86
CA LEU A 10 -3.37 12.06 -20.46
C LEU A 10 -4.52 12.93 -19.96
N GLU A 11 -4.44 14.23 -20.30
CA GLU A 11 -5.45 15.19 -19.87
C GLU A 11 -6.79 14.88 -20.51
N ARG A 12 -6.74 14.41 -21.76
CA ARG A 12 -7.95 14.01 -22.51
C ARG A 12 -8.39 12.59 -22.17
N ARG A 13 -7.74 11.93 -21.21
CA ARG A 13 -8.06 10.54 -20.82
C ARG A 13 -7.93 9.51 -21.97
N GLU A 14 -6.93 9.68 -22.85
CA GLU A 14 -6.59 8.68 -23.95
C GLU A 14 -5.45 7.78 -23.44
N PHE A 15 -5.86 6.79 -22.64
CA PHE A 15 -4.97 5.96 -21.84
C PHE A 15 -4.55 4.72 -22.60
N THR A 16 -3.91 4.94 -23.72
CA THR A 16 -3.50 3.82 -24.56
C THR A 16 -2.21 3.23 -23.95
N ARG A 17 -1.92 1.98 -24.26
CA ARG A 17 -0.60 1.38 -23.91
C ARG A 17 0.56 2.27 -24.34
N GLU A 18 0.45 2.83 -25.55
CA GLU A 18 1.49 3.63 -26.13
CA GLU A 18 1.47 3.66 -26.15
C GLU A 18 1.71 4.92 -25.32
N VAL A 19 0.63 5.55 -24.90
CA VAL A 19 0.75 6.80 -24.08
C VAL A 19 1.45 6.52 -22.70
N LEU A 20 1.03 5.45 -22.05
CA LEU A 20 1.60 5.10 -20.73
C LEU A 20 3.08 4.67 -20.86
N LYS A 21 3.43 3.88 -21.90
CA LYS A 21 4.82 3.49 -22.10
C LYS A 21 5.73 4.72 -22.32
N GLU A 22 5.28 5.61 -23.21
CA GLU A 22 6.03 6.83 -23.47
C GLU A 22 6.17 7.72 -22.18
N ALA A 23 5.09 7.84 -21.39
CA ALA A 23 5.15 8.57 -20.13
C ALA A 23 6.22 8.02 -19.20
N LEU A 24 6.28 6.69 -19.09
CA LEU A 24 7.26 6.03 -18.22
C LEU A 24 8.68 6.00 -18.77
N SER A 25 8.80 6.10 -20.10
CA SER A 25 10.10 6.06 -20.77
C SER A 25 10.83 7.42 -20.88
N ILE A 26 10.04 8.49 -21.00
CA ILE A 26 10.61 9.85 -21.08
C ILE A 26 11.31 10.21 -19.78
N ASN A 27 12.58 10.60 -19.82
CA ASN A 27 13.35 10.97 -18.61
C ASN A 27 13.49 12.50 -18.44
N ASP A 28 12.87 13.29 -19.28
CA ASP A 28 13.02 14.73 -19.25
C ASP A 28 12.45 15.35 -17.97
N ARG A 29 13.19 16.26 -17.32
CA ARG A 29 12.78 16.86 -16.08
C ARG A 29 11.50 17.70 -16.22
N GLY A 30 11.43 18.49 -17.26
CA GLY A 30 10.22 19.27 -17.53
C GLY A 30 8.95 18.44 -17.71
N PHE A 31 9.06 17.35 -18.48
CA PHE A 31 7.96 16.42 -18.64
C PHE A 31 7.57 15.80 -17.30
N ASN A 32 8.54 15.31 -16.56
CA ASN A 32 8.24 14.70 -15.29
C ASN A 32 7.53 15.64 -14.31
N GLU A 33 8.03 16.88 -14.25
CA GLU A 33 7.42 17.87 -13.35
C GLU A 33 5.98 18.16 -13.74
N ALA A 34 5.77 18.27 -15.06
CA ALA A 34 4.42 18.53 -15.56
C ALA A 34 3.49 17.35 -15.25
N LEU A 35 3.97 16.13 -15.40
CA LEU A 35 3.21 14.95 -15.03
C LEU A 35 2.81 14.96 -13.52
N PHE A 36 3.78 15.29 -12.67
CA PHE A 36 3.55 15.36 -11.21
C PHE A 36 2.51 16.45 -10.88
N LYS A 37 2.63 17.60 -11.52
CA LYS A 37 1.66 18.67 -11.36
C LYS A 37 0.24 18.24 -11.77
N LEU A 38 0.13 17.54 -12.89
CA LEU A 38 -1.19 17.04 -13.41
C LEU A 38 -1.77 16.11 -12.38
N ALA A 39 -0.95 15.17 -11.89
CA ALA A 39 -1.46 14.20 -10.86
C ALA A 39 -1.89 14.91 -9.59
N ASP A 40 -1.05 15.87 -9.15
CA ASP A 40 -1.35 16.66 -7.97
C ASP A 40 -2.68 17.39 -8.10
N GLU A 41 -2.89 18.01 -9.24
CA GLU A 41 -4.12 18.72 -9.54
CA GLU A 41 -4.12 18.72 -9.48
C GLU A 41 -5.33 17.82 -9.58
N ILE A 42 -5.20 16.70 -10.26
CA ILE A 42 -6.28 15.72 -10.29
C ILE A 42 -6.62 15.21 -8.90
N ARG A 43 -5.61 14.92 -8.09
CA ARG A 43 -5.84 14.55 -6.70
C ARG A 43 -6.67 15.63 -6.00
N ARG A 44 -6.21 16.88 -6.05
CA ARG A 44 -6.95 17.97 -5.41
C ARG A 44 -8.38 18.04 -5.85
N LYS A 45 -8.58 17.99 -7.16
CA LYS A 45 -9.94 18.11 -7.73
C LYS A 45 -10.88 17.01 -7.32
N TYR A 46 -10.39 15.77 -7.28
CA TYR A 46 -11.27 14.60 -7.07
C TYR A 46 -11.39 14.19 -5.61
N VAL A 47 -10.28 14.21 -4.88
CA VAL A 47 -10.27 13.75 -3.49
C VAL A 47 -9.94 14.80 -2.44
N GLY A 48 -9.67 16.01 -2.89
CA GLY A 48 -9.49 17.14 -2.01
C GLY A 48 -8.19 17.14 -1.26
N ASP A 49 -8.13 18.01 -0.25
CA ASP A 49 -6.89 18.22 0.54
C ASP A 49 -6.79 17.37 1.78
N GLU A 50 -7.84 16.61 2.11
CA GLU A 50 -7.78 15.70 3.25
C GLU A 50 -6.77 14.57 2.95
N VAL A 51 -5.89 14.35 3.92
CA VAL A 51 -4.94 13.22 3.91
C VAL A 51 -5.45 12.25 4.97
N HIS A 52 -5.89 11.08 4.54
CA HIS A 52 -6.45 10.09 5.46
C HIS A 52 -5.34 9.31 6.14
N ILE A 53 -5.50 9.18 7.44
CA ILE A 53 -4.54 8.54 8.30
C ILE A 53 -5.04 7.14 8.62
N ARG A 54 -4.25 6.13 8.23
CA ARG A 54 -4.57 4.71 8.51
C ARG A 54 -3.49 4.20 9.50
N ALA A 55 -3.86 3.95 10.75
CA ALA A 55 -2.92 3.51 11.76
C ALA A 55 -2.64 1.99 11.56
N ILE A 56 -1.40 1.64 11.24
CA ILE A 56 -1.10 0.25 10.94
CA ILE A 56 -1.02 0.25 10.91
C ILE A 56 -0.42 -0.44 12.13
N ILE A 57 -0.98 -1.58 12.50
CA ILE A 57 -0.44 -2.43 13.56
C ILE A 57 0.05 -3.72 12.84
N GLU A 58 1.39 -3.89 12.81
CA GLU A 58 2.03 -5.08 12.20
C GLU A 58 2.13 -6.11 13.32
N PHE A 59 1.12 -6.97 13.43
CA PHE A 59 0.89 -7.67 14.69
C PHE A 59 1.64 -9.02 14.87
N SER A 60 2.15 -9.54 13.77
CA SER A 60 2.93 -10.74 13.73
C SER A 60 3.86 -10.69 12.52
N ASN A 61 5.08 -11.16 12.71
CA ASN A 61 6.00 -11.28 11.58
C ASN A 61 6.26 -12.74 11.19
N VAL A 62 5.41 -13.64 11.70
CA VAL A 62 5.49 -15.05 11.32
C VAL A 62 4.89 -15.18 9.90
N CYS A 63 5.61 -15.85 8.98
CA CYS A 63 5.05 -16.14 7.69
C CYS A 63 5.37 -17.52 7.19
N ARG A 64 4.36 -18.14 6.58
CA ARG A 64 4.45 -19.47 5.96
C ARG A 64 4.97 -19.42 4.49
N LYS A 65 4.95 -18.25 3.86
CA LYS A 65 5.40 -18.12 2.48
C LYS A 65 6.87 -17.71 2.41
N ASN A 66 7.42 -17.79 1.19
CA ASN A 66 8.84 -17.64 0.99
C ASN A 66 9.14 -16.64 -0.12
N CYS A 67 8.37 -15.57 -0.24
CA CYS A 67 8.58 -14.55 -1.27
C CYS A 67 10.02 -14.11 -1.34
N LEU A 68 10.60 -14.09 -2.56
CA LEU A 68 12.05 -13.89 -2.64
C LEU A 68 12.53 -12.52 -2.22
N TYR A 69 11.63 -11.54 -2.29
CA TYR A 69 11.95 -10.14 -1.96
C TYR A 69 11.84 -9.77 -0.50
N CYS A 70 11.15 -10.61 0.28
CA CYS A 70 10.65 -10.19 1.61
C CYS A 70 11.48 -10.70 2.78
N GLY A 71 11.87 -9.80 3.69
CA GLY A 71 12.58 -10.15 4.87
C GLY A 71 11.84 -11.06 5.83
N LEU A 72 10.53 -11.16 5.74
CA LEU A 72 9.74 -12.09 6.59
C LEU A 72 9.61 -13.48 5.99
N ARG A 73 10.21 -13.71 4.81
CA ARG A 73 10.07 -15.05 4.16
C ARG A 73 10.50 -16.15 5.13
N ARG A 74 9.84 -17.30 5.01
CA ARG A 74 10.04 -18.36 5.99
C ARG A 74 11.47 -18.84 6.16
N ASP A 75 12.24 -18.77 5.06
CA ASP A 75 13.63 -19.22 5.09
C ASP A 75 14.60 -18.28 5.79
N ASN A 76 14.16 -17.08 6.18
CA ASN A 76 15.01 -16.16 6.87
C ASN A 76 15.05 -16.60 8.36
N LYS A 77 16.12 -17.33 8.69
CA LYS A 77 16.35 -17.80 10.08
C LYS A 77 16.98 -16.68 10.95
N ASN A 78 17.42 -15.60 10.35
CA ASN A 78 18.14 -14.55 11.14
C ASN A 78 17.15 -13.65 11.94
N LEU A 79 15.89 -13.76 11.65
CA LEU A 79 14.91 -12.86 12.20
C LEU A 79 14.24 -13.42 13.46
N LYS A 80 14.18 -12.59 14.50
CA LYS A 80 13.43 -12.91 15.70
C LYS A 80 11.89 -12.75 15.35
N ARG A 81 11.15 -13.85 15.55
CA ARG A 81 9.74 -13.87 15.25
C ARG A 81 8.93 -13.47 16.51
N TYR A 82 7.86 -12.75 16.28
CA TYR A 82 6.94 -12.33 17.33
C TYR A 82 5.47 -12.45 16.92
N ARG A 83 4.64 -12.52 17.94
CA ARG A 83 3.22 -12.45 17.78
C ARG A 83 2.62 -11.65 18.94
N MET A 84 1.83 -10.64 18.60
CA MET A 84 1.02 -9.94 19.58
C MET A 84 -0.17 -10.77 20.03
N THR A 85 -0.53 -10.68 21.31
CA THR A 85 -1.76 -11.34 21.74
C THR A 85 -2.97 -10.61 21.21
N PRO A 86 -4.12 -11.28 21.13
CA PRO A 86 -5.34 -10.59 20.69
C PRO A 86 -5.66 -9.40 21.61
N GLU A 87 -5.48 -9.56 22.92
CA GLU A 87 -5.74 -8.44 23.85
C GLU A 87 -4.79 -7.25 23.54
N GLU A 88 -3.52 -7.55 23.27
CA GLU A 88 -2.52 -6.53 22.96
CA GLU A 88 -2.53 -6.52 22.97
C GLU A 88 -2.97 -5.77 21.70
N ILE A 89 -3.45 -6.51 20.71
CA ILE A 89 -3.79 -5.93 19.43
C ILE A 89 -4.99 -5.01 19.63
N VAL A 90 -6.00 -5.49 20.33
CA VAL A 90 -7.23 -4.70 20.53
C VAL A 90 -6.89 -3.42 21.29
N GLU A 91 -6.15 -3.57 22.37
CA GLU A 91 -5.78 -2.40 23.19
C GLU A 91 -4.89 -1.40 22.46
N ARG A 92 -4.02 -1.92 21.61
CA ARG A 92 -3.18 -1.05 20.81
C ARG A 92 -4.01 -0.29 19.77
N ALA A 93 -4.99 -0.95 19.18
CA ALA A 93 -5.98 -0.28 18.28
C ALA A 93 -6.73 0.80 19.06
N ARG A 94 -7.17 0.45 20.30
CA ARG A 94 -7.90 1.44 21.11
C ARG A 94 -7.05 2.70 21.33
N LEU A 95 -5.75 2.51 21.58
CA LEU A 95 -4.87 3.65 21.82
C LEU A 95 -4.77 4.48 20.51
N ALA A 96 -4.66 3.83 19.33
CA ALA A 96 -4.72 4.59 18.08
C ALA A 96 -6.02 5.40 17.89
N VAL A 97 -7.17 4.83 18.27
CA VAL A 97 -8.42 5.50 18.18
C VAL A 97 -8.42 6.72 19.15
N GLN A 98 -7.85 6.51 20.35
CA GLN A 98 -7.68 7.59 21.32
C GLN A 98 -6.85 8.73 20.76
N PHE A 99 -5.87 8.39 19.91
CA PHE A 99 -5.03 9.37 19.23
C PHE A 99 -5.66 9.98 17.97
N GLY A 100 -6.86 9.55 17.64
CA GLY A 100 -7.64 10.11 16.55
C GLY A 100 -7.69 9.28 15.26
N ALA A 101 -7.14 8.08 15.26
CA ALA A 101 -7.19 7.23 14.06
C ALA A 101 -8.63 6.84 13.76
N LYS A 102 -9.02 7.04 12.51
CA LYS A 102 -10.35 6.67 11.99
C LYS A 102 -10.36 5.35 11.20
N THR A 103 -9.16 4.84 10.84
CA THR A 103 -8.98 3.51 10.24
C THR A 103 -7.85 2.83 11.01
N ILE A 104 -8.09 1.57 11.37
CA ILE A 104 -7.06 0.69 11.89
C ILE A 104 -6.76 -0.37 10.81
N VAL A 105 -5.48 -0.48 10.47
CA VAL A 105 -4.98 -1.50 9.53
C VAL A 105 -4.27 -2.57 10.37
N LEU A 106 -4.70 -3.82 10.22
CA LEU A 106 -4.03 -4.98 10.79
C LEU A 106 -3.27 -5.68 9.68
N GLN A 107 -1.95 -5.72 9.82
CA GLN A 107 -1.09 -6.34 8.81
C GLN A 107 -0.19 -7.36 9.48
N SER A 108 0.08 -8.44 8.75
CA SER A 108 0.97 -9.48 9.26
C SER A 108 1.58 -10.28 8.12
N GLY A 109 2.60 -11.05 8.49
CA GLY A 109 2.97 -12.20 7.67
C GLY A 109 1.77 -13.14 7.58
N GLU A 110 1.83 -14.10 6.68
CA GLU A 110 0.79 -15.15 6.61
C GLU A 110 1.02 -16.12 7.72
N ASP A 111 0.50 -15.74 8.88
CA ASP A 111 0.70 -16.45 10.16
C ASP A 111 -0.52 -17.30 10.44
N PRO A 112 -0.44 -18.64 10.28
CA PRO A 112 -1.63 -19.50 10.52
C PRO A 112 -2.32 -19.38 11.90
N TYR A 113 -1.56 -18.99 12.93
CA TYR A 113 -2.02 -18.99 14.32
C TYR A 113 -3.37 -18.30 14.49
N TYR A 114 -3.55 -17.17 13.82
CA TYR A 114 -4.71 -16.31 14.02
C TYR A 114 -5.92 -16.68 13.15
N MET A 115 -5.75 -17.57 12.17
CA MET A 115 -6.69 -17.65 11.02
C MET A 115 -7.66 -18.83 11.14
N PRO A 116 -8.95 -18.56 11.02
CA PRO A 116 -9.62 -17.27 10.83
C PRO A 116 -10.19 -16.69 12.12
N ASP A 117 -10.35 -17.47 13.16
CA ASP A 117 -11.22 -17.04 14.23
C ASP A 117 -10.67 -15.98 15.14
N VAL A 118 -9.36 -15.98 15.40
CA VAL A 118 -8.79 -14.97 16.28
C VAL A 118 -8.90 -13.60 15.60
N ILE A 119 -8.65 -13.56 14.27
CA ILE A 119 -8.85 -12.31 13.51
C ILE A 119 -10.28 -11.84 13.67
N SER A 120 -11.23 -12.74 13.46
CA SER A 120 -12.62 -12.35 13.60
C SER A 120 -12.95 -11.75 14.92
N ASP A 121 -12.41 -12.36 15.99
CA ASP A 121 -12.65 -11.86 17.35
C ASP A 121 -12.08 -10.46 17.49
N ILE A 122 -10.83 -10.28 17.00
CA ILE A 122 -10.19 -8.97 17.07
C ILE A 122 -10.95 -7.88 16.30
N VAL A 123 -11.35 -8.22 15.09
CA VAL A 123 -12.07 -7.28 14.24
C VAL A 123 -13.36 -6.85 14.93
N LYS A 124 -14.06 -7.80 15.53
CA LYS A 124 -15.31 -7.47 16.24
C LYS A 124 -15.06 -6.45 17.31
N GLU A 125 -14.01 -6.66 18.09
CA GLU A 125 -13.73 -5.76 19.23
C GLU A 125 -13.33 -4.35 18.73
N ILE A 126 -12.54 -4.28 17.65
CA ILE A 126 -12.12 -2.98 17.11
C ILE A 126 -13.31 -2.24 16.47
N LYS A 127 -14.19 -2.98 15.81
CA LYS A 127 -15.37 -2.35 15.19
C LYS A 127 -16.27 -1.66 16.25
N LYS A 128 -16.28 -2.16 17.46
CA LYS A 128 -17.04 -1.48 18.57
C LYS A 128 -16.59 -0.07 18.81
N MET A 129 -15.37 0.27 18.40
CA MET A 129 -14.76 1.57 18.64
C MET A 129 -15.20 2.61 17.59
N GLY A 130 -15.99 2.18 16.60
CA GLY A 130 -16.61 3.11 15.64
C GLY A 130 -15.63 3.68 14.60
N VAL A 131 -14.77 2.79 14.15
CA VAL A 131 -13.76 3.05 13.14
C VAL A 131 -13.77 2.04 12.03
N ALA A 132 -13.15 2.41 10.89
CA ALA A 132 -12.96 1.45 9.80
C ALA A 132 -11.83 0.47 10.18
N VAL A 133 -11.99 -0.78 9.71
CA VAL A 133 -10.96 -1.80 9.86
C VAL A 133 -10.53 -2.30 8.50
N THR A 134 -9.23 -2.26 8.27
CA THR A 134 -8.60 -2.77 7.05
C THR A 134 -7.70 -3.94 7.44
N LEU A 135 -7.83 -5.04 6.68
CA LEU A 135 -6.99 -6.20 6.88
C LEU A 135 -5.96 -6.29 5.75
N SER A 136 -4.75 -6.76 6.08
CA SER A 136 -3.67 -7.01 5.10
C SER A 136 -2.93 -8.22 5.60
N LEU A 137 -3.52 -9.39 5.37
CA LEU A 137 -3.05 -10.67 5.95
C LEU A 137 -2.62 -11.66 4.89
N GLY A 138 -2.62 -11.26 3.62
CA GLY A 138 -2.19 -12.16 2.55
C GLY A 138 -3.32 -13.01 1.96
N GLU A 139 -2.94 -14.13 1.38
CA GLU A 139 -3.86 -15.04 0.66
C GLU A 139 -4.40 -16.12 1.55
N TRP A 140 -5.73 -16.21 1.61
CA TRP A 140 -6.43 -17.18 2.45
C TRP A 140 -7.65 -17.66 1.72
N PRO A 141 -8.24 -18.77 2.21
CA PRO A 141 -9.46 -19.28 1.55
C PRO A 141 -10.59 -18.25 1.56
N ARG A 142 -11.47 -18.34 0.57
CA ARG A 142 -12.66 -17.54 0.52
C ARG A 142 -13.42 -17.57 1.81
N GLU A 143 -13.53 -18.73 2.43
CA GLU A 143 -14.28 -18.83 3.71
C GLU A 143 -13.69 -17.91 4.78
N TYR A 144 -12.37 -17.72 4.82
CA TYR A 144 -11.78 -16.84 5.81
C TYR A 144 -12.15 -15.39 5.50
N TYR A 145 -12.04 -14.99 4.24
CA TYR A 145 -12.43 -13.65 3.85
C TYR A 145 -13.90 -13.37 4.16
N GLU A 146 -14.74 -14.36 3.94
CA GLU A 146 -16.15 -14.21 4.23
C GLU A 146 -16.37 -14.00 5.73
N LYS A 147 -15.74 -14.85 6.55
CA LYS A 147 -15.86 -14.72 8.00
C LYS A 147 -15.41 -13.34 8.48
N TRP A 148 -14.31 -12.86 7.90
CA TRP A 148 -13.80 -11.52 8.30
C TRP A 148 -14.72 -10.38 7.91
N LYS A 149 -15.39 -10.53 6.76
CA LYS A 149 -16.36 -9.54 6.34
C LYS A 149 -17.56 -9.54 7.27
N GLU A 150 -18.04 -10.74 7.60
CA GLU A 150 -19.15 -10.88 8.56
C GLU A 150 -18.79 -10.32 9.96
N ALA A 151 -17.51 -10.41 10.34
CA ALA A 151 -17.00 -9.91 11.58
C ALA A 151 -16.95 -8.36 11.59
N GLY A 152 -17.03 -7.76 10.41
CA GLY A 152 -17.11 -6.35 10.23
C GLY A 152 -15.93 -5.63 9.56
N ALA A 153 -14.99 -6.37 8.98
CA ALA A 153 -13.89 -5.78 8.25
C ALA A 153 -14.45 -4.98 7.08
N ASP A 154 -13.87 -3.81 6.84
CA ASP A 154 -14.33 -2.90 5.80
C ASP A 154 -13.52 -2.98 4.52
N ARG A 155 -12.20 -3.16 4.68
CA ARG A 155 -11.28 -3.08 3.57
C ARG A 155 -10.22 -4.17 3.66
N TYR A 156 -9.61 -4.48 2.50
CA TYR A 156 -8.57 -5.49 2.43
C TYR A 156 -7.50 -5.03 1.48
N LEU A 157 -6.23 -5.01 1.94
CA LEU A 157 -5.12 -4.66 1.10
C LEU A 157 -4.36 -5.87 0.71
N LEU A 158 -4.27 -6.09 -0.60
CA LEU A 158 -3.59 -7.27 -1.18
C LEU A 158 -2.88 -6.86 -2.44
N ARG A 159 -1.71 -6.26 -2.25
CA ARG A 159 -0.99 -5.76 -3.40
C ARG A 159 -0.81 -6.89 -4.42
N HIS A 160 -1.02 -6.61 -5.69
CA HIS A 160 -0.84 -7.67 -6.71
C HIS A 160 0.63 -7.94 -7.04
N GLU A 161 1.50 -7.04 -6.64
CA GLU A 161 3.00 -7.14 -6.63
C GLU A 161 3.61 -6.93 -8.03
N THR A 162 3.18 -7.75 -8.97
CA THR A 162 3.52 -7.65 -10.36
C THR A 162 2.45 -8.38 -11.17
N ALA A 163 2.01 -7.77 -12.26
CA ALA A 163 1.03 -8.34 -13.14
C ALA A 163 1.65 -9.20 -14.23
N ASN A 164 2.95 -9.40 -14.16
CA ASN A 164 3.64 -10.34 -15.07
C ASN A 164 3.55 -11.73 -14.43
N PRO A 165 2.79 -12.67 -15.04
CA PRO A 165 2.56 -13.92 -14.32
C PRO A 165 3.85 -14.76 -14.17
N VAL A 166 4.79 -14.62 -15.13
CA VAL A 166 6.04 -15.37 -15.08
C VAL A 166 6.95 -14.84 -13.95
N LEU A 167 7.10 -13.52 -13.87
CA LEU A 167 7.84 -12.90 -12.80
C LEU A 167 7.21 -13.18 -11.47
N HIS A 168 5.88 -13.08 -11.41
CA HIS A 168 5.15 -13.28 -10.16
C HIS A 168 5.44 -14.66 -9.58
N ARG A 169 5.33 -15.69 -10.43
CA ARG A 169 5.54 -17.09 -9.99
C ARG A 169 7.01 -17.32 -9.53
N LYS A 170 7.97 -16.69 -10.21
CA LYS A 170 9.33 -16.78 -9.76
C LYS A 170 9.64 -16.12 -8.48
N LEU A 171 9.02 -14.97 -8.22
CA LEU A 171 9.28 -14.21 -6.99
C LEU A 171 8.46 -14.71 -5.81
N ARG A 172 7.37 -15.42 -6.12
CA ARG A 172 6.39 -15.85 -5.12
C ARG A 172 6.09 -17.33 -5.34
N PRO A 173 7.08 -18.17 -5.02
CA PRO A 173 7.03 -19.55 -5.48
C PRO A 173 6.02 -20.49 -4.80
N ASP A 174 5.36 -19.99 -3.78
CA ASP A 174 4.27 -20.73 -3.13
C ASP A 174 2.91 -20.55 -3.85
N THR A 175 2.87 -19.63 -4.81
CA THR A 175 1.61 -19.17 -5.32
C THR A 175 1.75 -18.66 -6.75
N SER A 176 0.81 -17.85 -7.21
CA SER A 176 0.76 -17.41 -8.60
C SER A 176 -0.03 -16.13 -8.70
N PHE A 177 0.15 -15.44 -9.83
CA PHE A 177 -0.62 -14.29 -10.14
C PHE A 177 -2.10 -14.66 -10.25
N GLU A 178 -2.37 -15.83 -10.87
CA GLU A 178 -3.77 -16.27 -10.96
C GLU A 178 -4.42 -16.38 -9.58
N ASN A 179 -3.71 -16.94 -8.60
CA ASN A 179 -4.23 -17.04 -7.21
CA ASN A 179 -4.33 -17.04 -7.26
C ASN A 179 -4.46 -15.66 -6.63
N ARG A 180 -3.48 -14.80 -6.83
CA ARG A 180 -3.52 -13.43 -6.27
C ARG A 180 -4.72 -12.67 -6.82
N LEU A 181 -4.90 -12.76 -8.15
CA LEU A 181 -6.05 -12.17 -8.80
C LEU A 181 -7.35 -12.75 -8.29
N ASN A 182 -7.38 -14.08 -8.18
CA ASN A 182 -8.63 -14.73 -7.63
C ASN A 182 -8.96 -14.20 -6.24
N CYS A 183 -7.93 -14.01 -5.41
CA CYS A 183 -8.13 -13.41 -4.09
C CYS A 183 -8.73 -12.00 -4.17
N LEU A 184 -8.14 -11.16 -5.01
CA LEU A 184 -8.62 -9.81 -5.23
C LEU A 184 -10.07 -9.77 -5.73
N LEU A 185 -10.41 -10.66 -6.65
CA LEU A 185 -11.77 -10.72 -7.20
C LEU A 185 -12.74 -11.16 -6.13
N THR A 186 -12.31 -12.11 -5.28
CA THR A 186 -13.14 -12.61 -4.20
C THR A 186 -13.44 -11.50 -3.19
N LEU A 187 -12.38 -10.78 -2.82
CA LEU A 187 -12.53 -9.64 -1.92
C LEU A 187 -13.55 -8.64 -2.47
N LYS A 188 -13.40 -8.29 -3.75
CA LYS A 188 -14.35 -7.39 -4.37
C LYS A 188 -15.81 -7.91 -4.32
N GLU A 189 -15.95 -9.19 -4.63
CA GLU A 189 -17.28 -9.83 -4.64
C GLU A 189 -17.93 -9.77 -3.28
N LEU A 190 -17.14 -9.95 -2.22
CA LEU A 190 -17.61 -9.92 -0.85
C LEU A 190 -17.95 -8.53 -0.31
N GLY A 191 -17.66 -7.48 -1.09
CA GLY A 191 -17.98 -6.14 -0.75
C GLY A 191 -16.92 -5.38 0.06
N TYR A 192 -15.67 -5.91 0.12
CA TYR A 192 -14.59 -5.14 0.69
C TYR A 192 -14.21 -3.96 -0.24
N GLU A 193 -13.85 -2.82 0.35
CA GLU A 193 -13.00 -1.88 -0.39
C GLU A 193 -11.67 -2.58 -0.57
N THR A 194 -11.25 -2.77 -1.79
CA THR A 194 -10.17 -3.66 -2.18
C THR A 194 -8.97 -2.89 -2.74
N GLY A 195 -7.83 -3.13 -2.11
CA GLY A 195 -6.58 -2.51 -2.49
C GLY A 195 -5.62 -3.47 -3.16
N ALA A 196 -5.02 -2.99 -4.25
CA ALA A 196 -4.00 -3.73 -4.98
C ALA A 196 -2.74 -2.85 -5.02
N GLY A 197 -1.91 -3.01 -6.05
CA GLY A 197 -0.68 -2.25 -6.15
C GLY A 197 0.51 -3.12 -6.40
N SER A 198 1.61 -2.53 -6.78
CA SER A 198 2.82 -3.27 -7.22
C SER A 198 4.07 -2.67 -6.65
N MET A 199 5.14 -3.42 -6.72
CA MET A 199 6.49 -2.93 -6.47
C MET A 199 7.10 -2.50 -7.82
N VAL A 200 7.97 -1.48 -7.76
CA VAL A 200 8.66 -0.95 -8.90
C VAL A 200 10.15 -1.22 -8.74
N GLY A 201 10.76 -1.82 -9.77
CA GLY A 201 12.21 -2.07 -9.79
C GLY A 201 12.55 -3.48 -9.32
N LEU A 202 11.57 -4.38 -9.35
CA LEU A 202 11.86 -5.79 -9.09
C LEU A 202 12.88 -6.28 -10.13
N PRO A 203 13.76 -7.22 -9.70
CA PRO A 203 14.70 -7.80 -10.63
C PRO A 203 13.99 -8.43 -11.83
N GLY A 204 14.36 -8.02 -13.03
CA GLY A 204 13.74 -8.55 -14.27
C GLY A 204 12.48 -7.87 -14.77
N GLN A 205 11.99 -6.90 -13.98
CA GLN A 205 10.79 -6.18 -14.32
C GLN A 205 11.12 -5.12 -15.35
N THR A 206 10.31 -5.02 -16.38
CA THR A 206 10.55 -4.05 -17.48
C THR A 206 9.59 -2.88 -17.44
N ILE A 207 9.84 -1.88 -18.25
CA ILE A 207 8.87 -0.80 -18.43
C ILE A 207 7.53 -1.36 -18.96
N ASP A 208 7.55 -2.33 -19.93
CA ASP A 208 6.29 -2.88 -20.40
C ASP A 208 5.50 -3.53 -19.23
N ASP A 209 6.22 -4.14 -18.30
CA ASP A 209 5.58 -4.73 -17.10
C ASP A 209 4.86 -3.64 -16.29
N LEU A 210 5.52 -2.52 -16.12
CA LEU A 210 4.94 -1.38 -15.38
C LEU A 210 3.68 -0.89 -16.07
N VAL A 211 3.72 -0.76 -17.38
CA VAL A 211 2.53 -0.47 -18.16
C VAL A 211 1.38 -1.45 -17.88
N ASP A 212 1.72 -2.75 -17.87
CA ASP A 212 0.75 -3.78 -17.57
C ASP A 212 0.22 -3.61 -16.16
N ASP A 213 1.08 -3.20 -15.20
CA ASP A 213 0.55 -2.95 -13.85
C ASP A 213 -0.50 -1.83 -13.84
N LEU A 214 -0.19 -0.74 -14.55
CA LEU A 214 -1.16 0.39 -14.67
C LEU A 214 -2.48 -0.01 -15.30
N LEU A 215 -2.39 -0.76 -16.41
CA LEU A 215 -3.61 -1.26 -17.09
C LEU A 215 -4.42 -2.23 -16.24
N PHE A 216 -3.72 -3.07 -15.48
CA PHE A 216 -4.37 -4.01 -14.56
C PHE A 216 -5.13 -3.25 -13.47
N LEU A 217 -4.51 -2.20 -12.94
CA LEU A 217 -5.13 -1.40 -11.88
C LEU A 217 -6.39 -0.72 -12.43
N LYS A 218 -6.28 -0.16 -13.62
CA LYS A 218 -7.39 0.57 -14.26
C LYS A 218 -8.53 -0.41 -14.60
N GLU A 219 -8.17 -1.57 -15.12
CA GLU A 219 -9.14 -2.63 -15.48
C GLU A 219 -10.06 -3.02 -14.33
N HIS A 220 -9.47 -3.24 -13.18
CA HIS A 220 -10.23 -3.73 -12.02
C HIS A 220 -10.73 -2.64 -11.10
N ASP A 221 -10.37 -1.40 -11.39
CA ASP A 221 -10.95 -0.24 -10.66
C ASP A 221 -10.82 -0.35 -9.15
N PHE A 222 -9.65 -0.66 -8.70
CA PHE A 222 -9.41 -0.87 -7.27
C PHE A 222 -9.69 0.38 -6.45
N ASP A 223 -10.13 0.18 -5.23
CA ASP A 223 -10.46 1.28 -4.33
C ASP A 223 -9.20 1.94 -3.75
N MET A 224 -8.16 1.15 -3.55
CA MET A 224 -6.86 1.63 -3.06
CA MET A 224 -6.88 1.59 -3.02
C MET A 224 -5.76 1.01 -3.87
N VAL A 225 -4.69 1.77 -4.03
CA VAL A 225 -3.54 1.30 -4.79
C VAL A 225 -2.28 1.68 -4.01
N GLY A 226 -1.55 0.66 -3.56
CA GLY A 226 -0.30 0.85 -2.86
C GLY A 226 0.87 0.53 -3.71
N ILE A 227 1.73 1.50 -3.90
CA ILE A 227 2.91 1.37 -4.81
C ILE A 227 4.14 1.84 -4.07
N GLY A 228 5.19 1.06 -4.17
CA GLY A 228 6.48 1.44 -3.62
C GLY A 228 7.62 0.80 -4.40
N PRO A 229 8.85 1.29 -4.12
CA PRO A 229 10.02 0.70 -4.75
C PRO A 229 10.36 -0.62 -4.08
N PHE A 230 10.89 -1.54 -4.87
CA PHE A 230 11.58 -2.73 -4.31
C PHE A 230 12.82 -2.25 -3.54
N ILE A 231 12.97 -2.76 -2.33
CA ILE A 231 14.15 -2.48 -1.50
C ILE A 231 14.80 -3.79 -1.10
N PRO A 232 16.04 -4.07 -1.62
CA PRO A 232 16.65 -5.38 -1.33
C PRO A 232 16.91 -5.60 0.12
N HIS A 233 16.65 -6.82 0.58
CA HIS A 233 16.86 -7.18 1.97
C HIS A 233 18.04 -8.16 2.01
N PRO A 234 19.00 -7.91 2.90
CA PRO A 234 20.22 -8.72 2.94
C PRO A 234 20.03 -10.18 3.30
N ASP A 235 18.93 -10.53 3.99
CA ASP A 235 18.68 -11.94 4.33
C ASP A 235 17.74 -12.65 3.40
N THR A 236 17.80 -12.29 2.11
CA THR A 236 16.93 -12.85 1.09
C THR A 236 17.74 -13.15 -0.18
N PRO A 237 17.16 -13.94 -1.09
CA PRO A 237 17.86 -14.21 -2.34
C PRO A 237 18.14 -13.01 -3.23
N LEU A 238 17.44 -11.91 -2.98
CA LEU A 238 17.55 -10.70 -3.81
C LEU A 238 18.43 -9.64 -3.19
N ALA A 239 19.25 -10.06 -2.23
CA ALA A 239 20.09 -9.17 -1.40
C ALA A 239 21.01 -8.26 -2.27
N ASN A 240 21.51 -8.81 -3.38
CA ASN A 240 22.48 -8.08 -4.20
C ASN A 240 21.88 -7.36 -5.40
N GLU A 241 20.53 -7.31 -5.49
CA GLU A 241 19.85 -6.70 -6.62
C GLU A 241 19.73 -5.21 -6.38
N LYS A 242 19.52 -4.46 -7.46
CA LYS A 242 19.33 -2.99 -7.37
C LYS A 242 17.97 -2.60 -6.78
N LYS A 243 17.98 -1.56 -5.94
CA LYS A 243 16.74 -0.97 -5.41
C LYS A 243 15.97 -0.31 -6.58
N GLY A 244 14.65 -0.25 -6.41
CA GLY A 244 13.83 0.49 -7.36
C GLY A 244 14.12 1.98 -7.33
N ASP A 245 13.93 2.61 -8.48
CA ASP A 245 14.18 4.02 -8.66
C ASP A 245 13.07 4.84 -8.07
N PHE A 246 13.40 5.80 -7.21
CA PHE A 246 12.35 6.63 -6.59
C PHE A 246 11.51 7.39 -7.66
N THR A 247 12.15 8.06 -8.61
CA THR A 247 11.43 8.91 -9.58
C THR A 247 10.51 8.09 -10.49
N LEU A 248 10.95 6.90 -10.91
CA LEU A 248 10.08 6.02 -11.70
C LEU A 248 8.88 5.55 -10.89
N THR A 249 9.15 5.24 -9.62
CA THR A 249 8.06 4.84 -8.69
C THR A 249 7.05 5.98 -8.50
N LEU A 250 7.57 7.18 -8.39
CA LEU A 250 6.74 8.36 -8.20
C LEU A 250 5.87 8.57 -9.45
N LYS A 251 6.45 8.33 -10.66
CA LYS A 251 5.70 8.41 -11.88
C LYS A 251 4.55 7.38 -11.93
N MET A 252 4.79 6.17 -11.39
CA MET A 252 3.76 5.16 -11.24
C MET A 252 2.61 5.64 -10.34
N VAL A 253 2.96 6.32 -9.24
CA VAL A 253 1.93 6.85 -8.35
C VAL A 253 1.14 7.92 -9.08
N ALA A 254 1.83 8.81 -9.78
CA ALA A 254 1.18 9.91 -10.52
C ALA A 254 0.24 9.36 -11.58
N LEU A 255 0.71 8.40 -12.36
CA LEU A 255 -0.15 7.82 -13.38
C LEU A 255 -1.31 7.07 -12.83
N THR A 256 -1.12 6.41 -11.68
CA THR A 256 -2.24 5.75 -10.98
C THR A 256 -3.34 6.76 -10.63
N ARG A 257 -2.94 7.90 -10.08
CA ARG A 257 -3.92 8.96 -9.79
C ARG A 257 -4.65 9.40 -11.07
N ILE A 258 -3.88 9.61 -12.15
CA ILE A 258 -4.48 10.04 -13.40
C ILE A 258 -5.50 9.01 -13.91
N LEU A 259 -5.16 7.72 -13.81
CA LEU A 259 -6.00 6.66 -14.30
C LEU A 259 -7.20 6.34 -13.41
N LEU A 260 -7.03 6.49 -12.12
CA LEU A 260 -8.04 6.20 -11.09
C LEU A 260 -8.18 7.44 -10.21
N PRO A 261 -8.84 8.50 -10.75
CA PRO A 261 -8.80 9.79 -10.07
C PRO A 261 -9.46 9.86 -8.70
N ASP A 262 -10.43 8.99 -8.46
CA ASP A 262 -11.14 8.95 -7.19
C ASP A 262 -10.69 7.85 -6.24
N SER A 263 -9.54 7.25 -6.50
CA SER A 263 -9.05 6.18 -5.61
C SER A 263 -8.29 6.72 -4.42
N ASN A 264 -8.09 5.85 -3.45
CA ASN A 264 -7.21 6.12 -2.30
C ASN A 264 -5.83 5.58 -2.56
N ILE A 265 -4.82 6.44 -2.45
CA ILE A 265 -3.46 6.09 -2.85
C ILE A 265 -2.50 6.52 -1.71
N PRO A 266 -1.89 5.56 -1.00
CA PRO A 266 -0.97 5.94 0.04
C PRO A 266 0.38 6.41 -0.49
N ALA A 267 1.00 7.26 0.32
CA ALA A 267 2.42 7.55 0.26
C ALA A 267 3.09 6.51 1.14
N THR A 268 3.63 5.47 0.52
CA THR A 268 4.08 4.29 1.26
C THR A 268 5.37 4.51 2.03
N THR A 269 5.52 3.76 3.12
CA THR A 269 6.72 3.81 3.92
C THR A 269 7.99 3.51 3.13
N ALA A 270 7.87 2.67 2.12
CA ALA A 270 9.04 2.35 1.26
C ALA A 270 9.51 3.59 0.50
N MET A 271 8.56 4.42 0.11
CA MET A 271 8.94 5.70 -0.55
C MET A 271 9.74 6.61 0.41
N GLY A 272 9.34 6.64 1.69
CA GLY A 272 10.05 7.41 2.68
C GLY A 272 11.37 6.79 3.17
N THR A 273 11.53 5.50 2.87
CA THR A 273 12.71 4.76 3.24
C THR A 273 13.83 4.95 2.23
N ILE A 274 13.52 4.98 0.94
CA ILE A 274 14.59 5.12 -0.06
CA ILE A 274 14.59 5.10 -0.07
C ILE A 274 15.05 6.54 -0.30
N VAL A 275 14.20 7.52 0.01
CA VAL A 275 14.56 8.94 -0.11
C VAL A 275 14.04 9.68 1.13
N PRO A 276 14.91 10.44 1.83
CA PRO A 276 14.44 11.25 2.93
C PRO A 276 13.40 12.24 2.44
N GLY A 277 12.23 12.25 3.09
CA GLY A 277 11.15 13.07 2.66
C GLY A 277 10.32 12.52 1.51
N GLY A 278 10.52 11.24 1.18
CA GLY A 278 9.85 10.61 0.03
C GLY A 278 8.34 10.51 0.17
N ARG A 279 7.81 10.31 1.36
CA ARG A 279 6.35 10.30 1.54
C ARG A 279 5.73 11.66 1.24
N GLU A 280 6.35 12.73 1.75
CA GLU A 280 5.85 14.07 1.52
C GLU A 280 5.85 14.41 0.06
N ILE A 281 6.90 14.03 -0.67
CA ILE A 281 6.92 14.23 -2.15
C ILE A 281 5.75 13.50 -2.78
N THR A 282 5.55 12.25 -2.32
CA THR A 282 4.51 11.39 -2.92
C THR A 282 3.13 11.97 -2.68
N LEU A 283 2.90 12.53 -1.51
CA LEU A 283 1.66 13.17 -1.20
C LEU A 283 1.39 14.39 -2.09
N ARG A 284 2.44 14.91 -2.76
CA ARG A 284 2.31 16.03 -3.64
C ARG A 284 2.32 15.67 -5.12
N CYS A 285 2.30 14.39 -5.40
CA CYS A 285 2.32 13.84 -6.77
C CYS A 285 1.22 12.83 -6.99
N GLY A 286 0.13 12.94 -6.20
CA GLY A 286 -1.06 12.07 -6.44
C GLY A 286 -1.59 11.36 -5.24
N ALA A 287 -0.75 11.13 -4.23
CA ALA A 287 -1.18 10.38 -3.03
C ALA A 287 -2.03 11.21 -2.09
N ASN A 288 -2.93 10.52 -1.37
CA ASN A 288 -3.85 11.19 -0.44
C ASN A 288 -4.05 10.45 0.88
N VAL A 289 -3.20 9.42 1.12
CA VAL A 289 -3.30 8.58 2.31
C VAL A 289 -1.90 8.43 2.90
N ILE A 290 -1.84 8.31 4.22
CA ILE A 290 -0.59 8.03 4.92
C ILE A 290 -0.89 6.98 6.00
N MET A 291 0.09 6.09 6.21
CA MET A 291 -0.10 4.94 7.11
CA MET A 291 -0.09 4.94 7.12
C MET A 291 0.99 5.00 8.24
N PRO A 292 0.75 5.82 9.29
CA PRO A 292 1.74 5.88 10.35
C PRO A 292 1.90 4.53 11.04
N ASN A 293 3.16 4.19 11.37
CA ASN A 293 3.46 2.94 12.05
C ASN A 293 2.99 2.93 13.49
N TRP A 294 2.01 2.10 13.81
CA TRP A 294 1.51 1.98 15.19
C TRP A 294 1.85 0.65 15.81
N THR A 295 2.85 -0.03 15.30
CA THR A 295 3.31 -1.28 15.94
C THR A 295 4.06 -0.93 17.19
N PRO A 296 3.76 -1.62 18.31
CA PRO A 296 4.40 -1.27 19.54
C PRO A 296 5.81 -1.80 19.65
N SER A 297 6.64 -1.10 20.44
CA SER A 297 7.90 -1.67 20.95
C SER A 297 7.52 -2.88 21.82
N PRO A 298 8.36 -3.93 21.82
CA PRO A 298 9.65 -4.08 21.18
C PRO A 298 9.60 -4.74 19.83
N TYR A 299 8.41 -4.75 19.20
CA TYR A 299 8.19 -5.46 17.93
C TYR A 299 8.43 -4.68 16.65
N ARG A 300 8.32 -3.33 16.70
CA ARG A 300 8.54 -2.51 15.48
C ARG A 300 9.76 -2.87 14.68
N GLN A 301 10.90 -2.98 15.38
CA GLN A 301 12.19 -3.22 14.76
C GLN A 301 12.27 -4.63 14.09
N LEU A 302 11.35 -5.49 14.45
CA LEU A 302 11.33 -6.89 13.97
C LEU A 302 10.48 -7.10 12.71
N TYR A 303 9.70 -6.12 12.31
CA TYR A 303 8.82 -6.25 11.13
C TYR A 303 9.59 -5.72 9.91
N GLN A 304 10.58 -6.49 9.52
CA GLN A 304 11.59 -6.06 8.56
C GLN A 304 11.37 -6.58 7.20
N LEU A 305 10.34 -6.10 6.52
CA LEU A 305 10.03 -6.51 5.09
C LEU A 305 11.26 -6.15 4.25
N TYR A 306 11.79 -4.93 4.51
CA TYR A 306 12.99 -4.42 3.92
C TYR A 306 13.77 -3.70 4.99
N PRO A 307 15.11 -3.49 4.78
CA PRO A 307 15.97 -2.82 5.77
C PRO A 307 15.86 -1.29 5.70
N GLY A 308 16.34 -0.65 6.78
CA GLY A 308 16.33 0.80 6.87
C GLY A 308 14.97 1.42 7.12
N LYS A 309 14.00 0.59 7.49
CA LYS A 309 12.63 1.03 7.45
C LYS A 309 12.50 2.21 8.40
N ILE A 310 11.92 3.33 7.89
CA ILE A 310 11.86 4.55 8.81
C ILE A 310 10.93 4.29 10.03
N CYS A 311 11.06 5.14 11.04
CA CYS A 311 10.18 5.17 12.23
C CYS A 311 10.45 4.06 13.26
N VAL A 312 11.29 3.08 12.92
CA VAL A 312 11.51 1.93 13.80
C VAL A 312 12.20 2.27 15.11
N PHE A 313 13.02 3.33 15.09
CA PHE A 313 13.69 3.77 16.31
C PHE A 313 12.88 4.71 17.21
N GLU A 314 11.72 5.15 16.74
CA GLU A 314 10.99 6.18 17.50
C GLU A 314 10.13 5.53 18.59
N LYS A 315 9.73 6.34 19.55
CA LYS A 315 8.77 5.93 20.59
C LYS A 315 7.52 5.54 19.86
N ASP A 316 6.80 4.56 20.37
CA ASP A 316 5.88 3.86 19.48
C ASP A 316 4.54 4.61 19.32
N THR A 317 4.39 5.78 20.01
CA THR A 317 3.26 6.65 19.77
C THR A 317 3.63 7.88 18.91
N ALA A 318 4.86 7.91 18.38
CA ALA A 318 5.36 9.11 17.69
C ALA A 318 4.66 9.37 16.32
N CYS A 319 4.29 8.31 15.58
CA CYS A 319 3.96 8.47 14.16
C CYS A 319 2.62 9.16 13.87
N ILE A 320 1.62 8.96 14.70
CA ILE A 320 0.34 9.66 14.51
C ILE A 320 0.55 11.20 14.65
N PRO A 321 1.14 11.67 15.76
CA PRO A 321 1.42 13.10 15.80
C PRO A 321 2.34 13.59 14.71
N CYS A 322 3.36 12.78 14.36
CA CYS A 322 4.30 13.18 13.33
C CYS A 322 3.59 13.40 11.97
N VAL A 323 2.71 12.46 11.58
CA VAL A 323 1.98 12.64 10.34
C VAL A 323 0.98 13.79 10.39
N MET A 324 0.45 14.11 11.59
CA MET A 324 -0.38 15.29 11.71
CA MET A 324 -0.40 15.32 11.82
C MET A 324 0.39 16.58 11.45
N LYS A 325 1.62 16.62 11.93
CA LYS A 325 2.52 17.73 11.63
C LYS A 325 2.85 17.79 10.15
N MET A 326 3.13 16.61 9.55
CA MET A 326 3.42 16.52 8.09
C MET A 326 2.26 17.08 7.26
N ILE A 327 1.06 16.66 7.60
CA ILE A 327 -0.11 17.08 6.89
C ILE A 327 -0.27 18.62 6.96
N GLU A 328 -0.05 19.21 8.16
CA GLU A 328 -0.12 20.66 8.27
C GLU A 328 0.95 21.39 7.49
N LEU A 329 2.20 20.92 7.59
CA LEU A 329 3.28 21.64 6.87
C LEU A 329 3.19 21.49 5.34
N LEU A 330 2.45 20.48 4.89
CA LEU A 330 2.11 20.31 3.49
C LEU A 330 0.94 21.21 3.04
N GLY A 331 0.30 21.92 3.95
CA GLY A 331 -0.90 22.70 3.62
C GLY A 331 -2.14 21.89 3.34
N ARG A 332 -2.22 20.74 4.00
CA ARG A 332 -3.30 19.72 3.82
C ARG A 332 -4.09 19.66 5.10
N LYS A 333 -5.12 18.80 5.15
CA LYS A 333 -6.01 18.67 6.33
C LYS A 333 -6.11 17.21 6.69
N PRO A 334 -6.25 16.89 7.99
CA PRO A 334 -6.46 15.45 8.30
C PRO A 334 -7.88 15.03 7.84
N GLY A 335 -8.05 13.77 7.48
CA GLY A 335 -9.35 13.23 7.12
C GLY A 335 -10.34 13.34 8.26
N ARG A 336 -11.57 13.73 7.90
CA ARG A 336 -12.64 13.99 8.87
C ARG A 336 -13.53 12.79 9.21
N ASP A 337 -13.65 11.89 8.27
CA ASP A 337 -14.47 10.71 8.40
C ASP A 337 -13.56 9.48 8.19
N TRP A 338 -14.11 8.32 7.83
CA TRP A 338 -13.29 7.15 7.67
C TRP A 338 -12.46 7.13 6.40
N GLY A 339 -12.67 8.10 5.51
CA GLY A 339 -11.86 8.15 4.28
C GLY A 339 -12.12 7.00 3.34
N GLY A 340 -13.38 6.48 3.30
CA GLY A 340 -13.73 5.47 2.30
C GLY A 340 -13.74 6.08 0.89
N ARG A 341 -13.65 5.25 -0.10
CA ARG A 341 -13.64 5.72 -1.46
C ARG A 341 -14.98 6.42 -1.78
N LYS A 342 -14.90 7.60 -2.36
CA LYS A 342 -16.09 8.41 -2.73
C LYS A 342 -16.08 8.53 -4.24
N ARG A 343 -16.81 7.61 -4.89
CA ARG A 343 -16.76 7.51 -6.34
C ARG A 343 -17.30 8.74 -7.01
N VAL A 344 -16.56 9.23 -8.01
CA VAL A 344 -17.07 10.25 -8.92
C VAL A 344 -17.34 9.54 -10.26
N PHE A 345 -18.63 9.30 -10.56
CA PHE A 345 -19.02 8.58 -11.78
C PHE A 345 -18.84 9.49 -12.96
N GLU A 346 -18.15 9.03 -14.00
CA GLU A 346 -17.89 9.92 -15.10
C GLU A 346 -17.99 9.16 -16.39
N THR A 347 -17.46 9.72 -17.48
CA THR A 347 -17.56 9.15 -18.87
C THR A 347 -16.15 8.60 -19.20
#